data_5G4W
#
_entry.id   5G4W
#
_cell.length_a   87.012
_cell.length_b   87.012
_cell.length_c   120.457
_cell.angle_alpha   90.00
_cell.angle_beta   90.00
_cell.angle_gamma   120.00
#
_symmetry.space_group_name_H-M   'P 61 2 2'
#
loop_
_entity.id
_entity.type
_entity.pdbx_description
1 polymer HISA
2 non-polymer '[(2R,3S,4R,5R)-5-[4-aminocarbonyl-5-[(E)-[[(2R,3R,4S,5R)-3,4-bis(oxidanyl)-5-(phosphonooxymethyl)oxolan-2-yl]amino]methylideneamino]imidazol-1-yl]-3,4-bis(oxidanyl)oxolan-2-yl]methyl dihydrogen phosphate'
3 non-polymer GLYCEROL
4 water water
#
_entity_poly.entity_id   1
_entity_poly.type   'polypeptide(L)'
_entity_poly.pdbx_seq_one_letter_code
;MIIPALNLIGGTVVRVVRLHQGDYARQRDYGNDPLPRLQDYAAQGAGVLHLVDLTGAKDPAKRQIPLIKTLVAGVNVPVQ
VGGGVRTEEDVAALLKAGVARVVIGSTAVKSPDVVKGWFERFGAQALVLALDVRIDEHGTKQVAVSGWQENSGVSLEQLV
ETYLPVGLKHVLCTDISRDGTLAGSNVSLYEEVCARYPQIAFQSSGGIGDIDDIAALRGTGVRGVIVGRALLEGKFTVKE
AIQCWQNVKGHHHHHH
;
_entity_poly.pdbx_strand_id   A
#
loop_
_chem_comp.id
_chem_comp.type
_chem_comp.name
_chem_comp.formula
GOL non-polymer GLYCEROL 'C3 H8 O3'
GUO non-polymer '[(2R,3S,4R,5R)-5-[4-aminocarbonyl-5-[(E)-[[(2R,3R,4S,5R)-3,4-bis(oxidanyl)-5-(phosphonooxymethyl)oxolan-2-yl]amino]methylideneamino]imidazol-1-yl]-3,4-bis(oxidanyl)oxolan-2-yl]methyl dihydrogen phosphate' 'C15 H25 N5 O15 P2'
#
# COMPACT_ATOMS: atom_id res chain seq x y z
N MET A 1 0.11 7.45 -10.89
CA MET A 1 0.48 6.13 -11.40
C MET A 1 -0.49 5.05 -10.90
N ILE A 2 -0.70 4.03 -11.72
CA ILE A 2 -1.49 2.88 -11.30
C ILE A 2 -0.59 1.87 -10.62
N ILE A 3 -1.00 1.41 -9.43
CA ILE A 3 -0.19 0.46 -8.67
C ILE A 3 -0.94 -0.86 -8.49
N PRO A 4 -0.72 -1.82 -9.40
CA PRO A 4 -1.34 -3.14 -9.31
C PRO A 4 -0.88 -3.89 -8.06
N ALA A 5 -1.80 -4.58 -7.40
CA ALA A 5 -1.49 -5.23 -6.13
C ALA A 5 -1.89 -6.70 -6.09
N LEU A 6 -1.15 -7.49 -5.33
CA LEU A 6 -1.46 -8.89 -5.12
C LEU A 6 -1.32 -9.27 -3.65
N ASN A 7 -2.23 -10.11 -3.15
CA ASN A 7 -2.12 -10.66 -1.81
C ASN A 7 -1.64 -12.10 -1.87
N LEU A 8 -0.60 -12.41 -1.08
CA LEU A 8 0.03 -13.72 -1.16
C LEU A 8 -0.04 -14.50 0.16
N ILE A 9 -0.46 -15.76 0.06
CA ILE A 9 -0.47 -16.66 1.21
C ILE A 9 0.15 -18.01 0.83
N GLY A 10 1.40 -18.21 1.22
CA GLY A 10 2.11 -19.44 0.92
C GLY A 10 2.29 -19.64 -0.57
N GLY A 11 2.52 -18.55 -1.29
CA GLY A 11 2.72 -18.59 -2.72
C GLY A 11 1.42 -18.61 -3.50
N THR A 12 0.33 -18.28 -2.83
CA THR A 12 -0.99 -18.30 -3.45
C THR A 12 -1.59 -16.90 -3.54
N VAL A 13 -2.09 -16.55 -4.73
CA VAL A 13 -2.78 -15.27 -4.94
C VAL A 13 -4.21 -15.37 -4.44
N VAL A 14 -4.59 -14.47 -3.53
CA VAL A 14 -5.90 -14.57 -2.90
C VAL A 14 -6.73 -13.29 -2.92
N ARG A 15 -8.04 -13.38 -2.99
CA ARG A 15 -8.91 -12.21 -2.87
C ARG A 15 -9.22 -12.00 -1.40
N VAL A 16 -9.13 -10.76 -0.94
CA VAL A 16 -9.27 -10.47 0.47
C VAL A 16 -10.52 -9.71 0.82
N GLN A 27 -11.66 -15.99 1.99
CA GLN A 27 -10.73 -15.65 0.93
C GLN A 27 -10.98 -16.50 -0.31
N ARG A 28 -10.42 -16.07 -1.44
CA ARG A 28 -10.64 -16.74 -2.71
C ARG A 28 -9.33 -17.00 -3.44
N ASP A 29 -9.13 -18.24 -3.89
CA ASP A 29 -7.91 -18.60 -4.60
C ASP A 29 -7.88 -18.03 -6.02
N TYR A 30 -6.71 -17.62 -6.48
CA TYR A 30 -6.53 -17.20 -7.87
C TYR A 30 -5.33 -17.89 -8.52
N GLY A 31 -4.91 -19.01 -7.94
CA GLY A 31 -3.80 -19.77 -8.47
C GLY A 31 -2.50 -19.51 -7.74
N ASN A 32 -1.50 -20.34 -8.00
CA ASN A 32 -0.21 -20.20 -7.35
C ASN A 32 0.90 -19.82 -8.34
N ASP A 33 0.58 -18.94 -9.27
CA ASP A 33 1.56 -18.50 -10.27
C ASP A 33 1.50 -16.98 -10.43
N PRO A 34 2.01 -16.25 -9.43
CA PRO A 34 1.90 -14.79 -9.38
C PRO A 34 2.85 -14.04 -10.32
N LEU A 35 3.99 -14.65 -10.64
CA LEU A 35 5.00 -13.97 -11.47
C LEU A 35 4.53 -13.64 -12.89
N PRO A 36 3.86 -14.59 -13.58
CA PRO A 36 3.36 -14.20 -14.91
C PRO A 36 2.33 -13.06 -14.86
N ARG A 37 1.58 -12.97 -13.76
CA ARG A 37 0.62 -11.88 -13.59
C ARG A 37 1.36 -10.56 -13.44
N LEU A 38 2.39 -10.55 -12.61
CA LEU A 38 3.16 -9.34 -12.34
C LEU A 38 3.90 -8.85 -13.59
N GLN A 39 4.45 -9.79 -14.35
CA GLN A 39 5.19 -9.46 -15.56
C GLN A 39 4.28 -8.86 -16.62
N ASP A 40 3.05 -9.35 -16.69
CA ASP A 40 2.08 -8.82 -17.64
C ASP A 40 1.61 -7.44 -17.21
N TYR A 41 1.51 -7.24 -15.90
CA TYR A 41 1.18 -5.93 -15.35
C TYR A 41 2.22 -4.90 -15.77
N ALA A 42 3.49 -5.26 -15.63
CA ALA A 42 4.59 -4.38 -16.00
C ALA A 42 4.65 -4.19 -17.51
N ALA A 43 4.25 -5.21 -18.26
CA ALA A 43 4.28 -5.17 -19.72
C ALA A 43 3.26 -4.17 -20.27
N GLN A 44 2.23 -3.89 -19.48
CA GLN A 44 1.17 -2.98 -19.91
C GLN A 44 1.50 -1.53 -19.58
N GLY A 45 2.62 -1.32 -18.90
CA GLY A 45 3.10 0.03 -18.63
C GLY A 45 3.15 0.41 -17.16
N ALA A 46 2.90 -0.55 -16.27
CA ALA A 46 2.95 -0.29 -14.84
C ALA A 46 4.37 0.04 -14.40
N GLY A 47 4.51 1.06 -13.57
CA GLY A 47 5.81 1.49 -13.11
C GLY A 47 6.12 1.01 -11.71
N VAL A 48 5.07 0.71 -10.94
CA VAL A 48 5.22 0.22 -9.57
C VAL A 48 4.29 -0.98 -9.33
N LEU A 49 4.75 -1.93 -8.52
CA LEU A 49 3.92 -3.06 -8.12
C LEU A 49 3.79 -3.11 -6.60
N HIS A 50 2.75 -3.79 -6.12
CA HIS A 50 2.46 -3.82 -4.69
C HIS A 50 2.15 -5.24 -4.23
N LEU A 51 2.84 -5.69 -3.17
CA LEU A 51 2.62 -7.03 -2.64
C LEU A 51 2.33 -7.02 -1.15
N VAL A 52 1.37 -7.83 -0.73
CA VAL A 52 1.06 -8.00 0.69
C VAL A 52 1.33 -9.45 1.11
N ASP A 53 2.31 -9.63 1.98
CA ASP A 53 2.66 -10.96 2.47
C ASP A 53 1.83 -11.31 3.70
N LEU A 54 0.70 -11.97 3.48
CA LEU A 54 -0.21 -12.32 4.57
C LEU A 54 0.35 -13.45 5.43
N THR A 55 1.16 -14.32 4.83
CA THR A 55 1.80 -15.39 5.57
C THR A 55 2.78 -14.83 6.60
N GLY A 56 3.60 -13.88 6.16
CA GLY A 56 4.56 -13.24 7.04
C GLY A 56 3.89 -12.33 8.06
N ALA A 57 2.73 -11.80 7.69
CA ALA A 57 1.96 -10.94 8.58
C ALA A 57 1.43 -11.73 9.77
N LYS A 58 1.07 -12.98 9.53
CA LYS A 58 0.57 -13.86 10.57
C LYS A 58 1.72 -14.41 11.41
N ASP A 59 2.78 -14.85 10.75
CA ASP A 59 3.95 -15.40 11.43
C ASP A 59 5.22 -14.83 10.82
N PRO A 60 6.00 -14.08 11.61
CA PRO A 60 7.21 -13.39 11.14
C PRO A 60 8.29 -14.35 10.66
N ALA A 61 8.34 -15.56 11.23
CA ALA A 61 9.32 -16.56 10.84
C ALA A 61 8.89 -17.27 9.55
N LYS A 62 7.73 -16.89 9.04
CA LYS A 62 7.19 -17.47 7.82
C LYS A 62 7.22 -16.48 6.66
N ARG A 63 7.96 -15.38 6.85
CA ARG A 63 8.06 -14.34 5.84
C ARG A 63 8.57 -14.91 4.52
N GLN A 64 7.75 -14.79 3.48
CA GLN A 64 8.04 -15.40 2.18
C GLN A 64 9.16 -14.68 1.44
N ILE A 65 10.33 -14.60 2.07
CA ILE A 65 11.49 -13.93 1.48
C ILE A 65 11.97 -14.56 0.16
N PRO A 66 12.11 -15.91 0.10
CA PRO A 66 12.57 -16.47 -1.17
C PRO A 66 11.61 -16.20 -2.34
N LEU A 67 10.31 -16.27 -2.10
CA LEU A 67 9.32 -16.00 -3.13
C LEU A 67 9.39 -14.54 -3.58
N ILE A 68 9.40 -13.64 -2.60
CA ILE A 68 9.51 -12.21 -2.88
C ILE A 68 10.77 -11.89 -3.67
N LYS A 69 11.87 -12.54 -3.28
CA LYS A 69 13.14 -12.37 -3.98
C LYS A 69 13.04 -12.80 -5.44
N THR A 70 12.25 -13.84 -5.69
CA THR A 70 12.04 -14.34 -7.04
C THR A 70 11.16 -13.39 -7.86
N LEU A 71 10.07 -12.93 -7.26
CA LEU A 71 9.14 -12.03 -7.93
C LEU A 71 9.80 -10.70 -8.28
N VAL A 72 10.64 -10.20 -7.37
CA VAL A 72 11.36 -8.96 -7.60
C VAL A 72 12.34 -9.11 -8.76
N ALA A 73 13.06 -10.23 -8.78
CA ALA A 73 14.03 -10.50 -9.83
C ALA A 73 13.36 -10.77 -11.18
N GLY A 74 12.07 -11.07 -11.14
CA GLY A 74 11.33 -11.41 -12.34
C GLY A 74 10.73 -10.23 -13.08
N VAL A 75 10.76 -9.06 -12.46
CA VAL A 75 10.21 -7.85 -13.07
C VAL A 75 11.26 -6.75 -13.17
N ASN A 76 10.94 -5.68 -13.90
CA ASN A 76 11.87 -4.58 -14.11
C ASN A 76 11.42 -3.30 -13.41
N VAL A 77 10.39 -3.42 -12.58
CA VAL A 77 9.84 -2.25 -11.90
C VAL A 77 9.95 -2.39 -10.39
N PRO A 78 10.08 -1.26 -9.67
CA PRO A 78 10.12 -1.25 -8.21
C PRO A 78 8.89 -1.89 -7.58
N VAL A 79 9.11 -2.76 -6.59
CA VAL A 79 8.02 -3.43 -5.90
C VAL A 79 8.01 -3.04 -4.43
N GLN A 80 6.87 -2.56 -3.95
CA GLN A 80 6.72 -2.26 -2.53
C GLN A 80 5.99 -3.40 -1.83
N VAL A 81 6.59 -3.88 -0.75
CA VAL A 81 6.07 -5.06 -0.05
C VAL A 81 5.76 -4.76 1.41
N GLY A 82 4.58 -5.19 1.86
CA GLY A 82 4.18 -5.07 3.25
C GLY A 82 3.60 -6.37 3.77
N GLY A 83 3.26 -6.40 5.05
CA GLY A 83 2.67 -7.59 5.64
C GLY A 83 3.28 -7.95 6.98
N GLY A 84 2.83 -7.27 8.03
CA GLY A 84 3.28 -7.56 9.39
C GLY A 84 4.73 -7.26 9.64
N VAL A 85 5.25 -6.20 9.01
CA VAL A 85 6.62 -5.78 9.25
C VAL A 85 6.73 -5.24 10.67
N ARG A 86 7.47 -5.96 11.51
CA ARG A 86 7.52 -5.64 12.93
C ARG A 86 8.85 -5.03 13.38
N THR A 87 9.94 -5.59 12.89
CA THR A 87 11.27 -5.22 13.39
C THR A 87 12.15 -4.56 12.35
N GLU A 88 13.25 -3.99 12.82
CA GLU A 88 14.25 -3.36 11.96
C GLU A 88 14.91 -4.40 11.07
N GLU A 89 14.94 -5.64 11.55
CA GLU A 89 15.54 -6.74 10.81
C GLU A 89 14.64 -7.18 9.66
N ASP A 90 13.33 -7.04 9.85
CA ASP A 90 12.36 -7.35 8.80
C ASP A 90 12.54 -6.42 7.60
N VAL A 91 12.70 -5.14 7.89
CA VAL A 91 12.91 -4.14 6.86
C VAL A 91 14.20 -4.40 6.09
N ALA A 92 15.26 -4.68 6.84
CA ALA A 92 16.57 -4.93 6.25
C ALA A 92 16.55 -6.18 5.36
N ALA A 93 15.87 -7.22 5.83
CA ALA A 93 15.79 -8.48 5.09
C ALA A 93 15.03 -8.32 3.77
N LEU A 94 13.94 -7.55 3.81
CA LEU A 94 13.15 -7.30 2.62
C LEU A 94 13.94 -6.47 1.60
N LEU A 95 14.58 -5.41 2.06
CA LEU A 95 15.37 -4.55 1.19
C LEU A 95 16.54 -5.32 0.57
N LYS A 96 17.15 -6.20 1.38
CA LYS A 96 18.25 -7.03 0.90
C LYS A 96 17.77 -8.02 -0.15
N ALA A 97 16.49 -8.37 -0.08
CA ALA A 97 15.89 -9.31 -1.03
C ALA A 97 15.60 -8.65 -2.37
N GLY A 98 15.73 -7.34 -2.43
CA GLY A 98 15.54 -6.60 -3.67
C GLY A 98 14.32 -5.71 -3.69
N VAL A 99 13.60 -5.69 -2.57
CA VAL A 99 12.39 -4.86 -2.45
C VAL A 99 12.76 -3.37 -2.50
N ALA A 100 12.00 -2.61 -3.29
CA ALA A 100 12.23 -1.18 -3.42
C ALA A 100 11.80 -0.41 -2.16
N ARG A 101 10.57 -0.63 -1.73
CA ARG A 101 10.03 0.06 -0.56
C ARG A 101 9.30 -0.89 0.37
N VAL A 102 9.49 -0.72 1.67
CA VAL A 102 8.81 -1.55 2.66
C VAL A 102 7.58 -0.84 3.22
N VAL A 103 6.43 -1.51 3.13
CA VAL A 103 5.18 -0.94 3.60
C VAL A 103 4.92 -1.30 5.07
N ILE A 104 4.75 -0.27 5.90
CA ILE A 104 4.60 -0.47 7.34
C ILE A 104 3.31 0.16 7.86
N GLY A 105 2.44 -0.66 8.43
CA GLY A 105 1.17 -0.18 8.94
C GLY A 105 1.05 -0.23 10.44
N SER A 106 0.80 -1.43 10.97
CA SER A 106 0.57 -1.63 12.40
C SER A 106 1.68 -1.08 13.29
N THR A 107 2.92 -1.44 12.98
CA THR A 107 4.07 -1.05 13.79
C THR A 107 4.27 0.47 13.79
N ALA A 108 3.95 1.10 12.66
CA ALA A 108 4.10 2.55 12.53
C ALA A 108 3.14 3.31 13.44
N VAL A 109 2.07 2.62 13.85
CA VAL A 109 1.08 3.22 14.74
C VAL A 109 1.44 2.97 16.21
N LYS A 110 1.93 1.77 16.50
CA LYS A 110 2.17 1.36 17.88
C LYS A 110 3.53 1.83 18.42
N SER A 111 4.49 2.04 17.53
CA SER A 111 5.82 2.47 17.96
C SER A 111 6.40 3.54 17.02
N PRO A 112 5.83 4.76 17.05
CA PRO A 112 6.27 5.84 16.16
C PRO A 112 7.73 6.22 16.32
N ASP A 113 8.24 6.23 17.56
CA ASP A 113 9.61 6.62 17.81
C ASP A 113 10.61 5.60 17.25
N VAL A 114 10.23 4.33 17.28
CA VAL A 114 11.07 3.27 16.73
C VAL A 114 11.12 3.35 15.21
N VAL A 115 9.94 3.53 14.60
CA VAL A 115 9.83 3.61 13.15
C VAL A 115 10.52 4.87 12.62
N LYS A 116 10.47 5.95 13.40
CA LYS A 116 11.17 7.18 13.02
C LYS A 116 12.67 6.95 12.95
N GLY A 117 13.15 6.01 13.75
CA GLY A 117 14.55 5.60 13.71
C GLY A 117 14.85 4.84 12.44
N TRP A 118 13.86 4.12 11.92
CA TRP A 118 14.01 3.38 10.68
C TRP A 118 14.18 4.33 9.50
N PHE A 119 13.44 5.45 9.54
CA PHE A 119 13.55 6.47 8.52
C PHE A 119 14.96 7.05 8.47
N GLU A 120 15.57 7.21 9.63
CA GLU A 120 16.91 7.78 9.73
C GLU A 120 17.97 6.82 9.15
N ARG A 121 17.77 5.53 9.37
CA ARG A 121 18.72 4.53 8.89
C ARG A 121 18.54 4.21 7.41
N PHE A 122 17.32 3.90 7.01
CA PHE A 122 17.05 3.41 5.67
C PHE A 122 16.76 4.53 4.67
N GLY A 123 16.25 5.65 5.15
CA GLY A 123 15.87 6.74 4.27
C GLY A 123 14.39 6.68 3.93
N ALA A 124 13.82 7.84 3.62
CA ALA A 124 12.37 7.93 3.38
C ALA A 124 11.96 7.33 2.03
N GLN A 125 12.94 7.08 1.17
CA GLN A 125 12.66 6.54 -0.16
C GLN A 125 12.41 5.03 -0.11
N ALA A 126 12.70 4.42 1.04
CA ALA A 126 12.59 2.97 1.16
C ALA A 126 11.44 2.55 2.08
N LEU A 127 10.69 3.52 2.58
CA LEU A 127 9.61 3.24 3.52
C LEU A 127 8.29 3.87 3.09
N VAL A 128 7.21 3.12 3.25
CA VAL A 128 5.87 3.63 2.95
C VAL A 128 4.98 3.52 4.19
N LEU A 129 4.48 4.66 4.65
CA LEU A 129 3.60 4.71 5.81
C LEU A 129 2.17 4.33 5.43
N ALA A 130 1.74 3.14 5.83
CA ALA A 130 0.40 2.67 5.52
C ALA A 130 -0.57 3.02 6.65
N LEU A 131 -1.67 3.67 6.29
CA LEU A 131 -2.66 4.10 7.26
C LEU A 131 -4.06 3.58 6.93
N ASP A 132 -4.60 2.74 7.80
CA ASP A 132 -6.00 2.33 7.70
C ASP A 132 -6.86 3.34 8.45
N VAL A 133 -7.73 4.02 7.71
CA VAL A 133 -8.47 5.15 8.27
C VAL A 133 -9.97 4.93 8.36
N ARG A 134 -10.53 5.22 9.52
CA ARG A 134 -11.98 5.25 9.71
C ARG A 134 -12.43 6.63 10.15
N ILE A 135 -13.39 7.22 9.43
CA ILE A 135 -13.99 8.47 9.84
C ILE A 135 -15.02 8.20 10.92
N ASP A 136 -14.72 8.59 12.16
CA ASP A 136 -15.57 8.24 13.29
C ASP A 136 -16.79 9.14 13.42
N GLU A 137 -17.49 9.00 14.54
CA GLU A 137 -18.70 9.74 14.82
C GLU A 137 -18.46 11.25 14.86
N HIS A 138 -17.25 11.65 15.24
CA HIS A 138 -16.92 13.06 15.41
C HIS A 138 -16.35 13.67 14.13
N GLY A 139 -16.21 12.85 13.10
CA GLY A 139 -15.69 13.31 11.82
C GLY A 139 -14.18 13.26 11.76
N THR A 140 -13.57 12.66 12.78
CA THR A 140 -12.12 12.54 12.86
C THR A 140 -11.63 11.38 12.00
N LYS A 141 -10.56 11.61 11.24
CA LYS A 141 -9.94 10.55 10.45
C LYS A 141 -9.07 9.66 11.34
N GLN A 142 -9.72 8.72 12.03
CA GLN A 142 -9.04 7.85 12.98
C GLN A 142 -8.20 6.78 12.29
N VAL A 143 -7.02 6.52 12.85
CA VAL A 143 -6.14 5.49 12.33
C VAL A 143 -6.32 4.18 13.11
N ALA A 144 -6.53 3.08 12.38
CA ALA A 144 -6.64 1.77 12.99
C ALA A 144 -5.53 0.86 12.49
N VAL A 145 -5.14 -0.11 13.32
CA VAL A 145 -4.06 -1.02 12.96
C VAL A 145 -4.56 -2.14 12.06
N SER A 146 -5.86 -2.43 12.14
CA SER A 146 -6.47 -3.47 11.31
C SER A 146 -7.97 -3.25 11.19
N GLY A 147 -8.62 -4.11 10.41
CA GLY A 147 -10.05 -3.98 10.16
C GLY A 147 -10.92 -4.58 11.25
N TRP A 148 -10.36 -5.50 12.03
CA TRP A 148 -11.10 -6.18 13.08
CA TRP A 148 -11.12 -6.16 13.08
C TRP A 148 -10.75 -5.63 14.47
N GLN A 149 -10.27 -4.39 14.51
CA GLN A 149 -9.90 -3.76 15.78
C GLN A 149 -10.34 -2.30 15.84
N GLU A 150 -10.62 -1.82 17.04
CA GLU A 150 -11.08 -0.45 17.25
C GLU A 150 -10.02 0.58 16.90
N ASN A 151 -10.43 1.85 16.91
CA ASN A 151 -9.51 2.95 16.65
C ASN A 151 -8.42 3.05 17.71
N SER A 152 -7.30 3.67 17.36
CA SER A 152 -6.15 3.75 18.25
C SER A 152 -6.12 5.05 19.03
N GLY A 153 -6.99 5.99 18.67
CA GLY A 153 -7.04 7.27 19.34
C GLY A 153 -6.10 8.28 18.71
N VAL A 154 -5.55 7.93 17.56
CA VAL A 154 -4.66 8.82 16.82
C VAL A 154 -5.23 9.09 15.43
N SER A 155 -5.26 10.36 15.05
CA SER A 155 -5.81 10.75 13.75
C SER A 155 -4.74 10.66 12.67
N LEU A 156 -5.17 10.77 11.42
CA LEU A 156 -4.25 10.74 10.29
C LEU A 156 -3.28 11.91 10.36
N GLU A 157 -3.81 13.09 10.72
CA GLU A 157 -3.00 14.30 10.80
C GLU A 157 -1.91 14.19 11.87
N GLN A 158 -2.26 13.62 13.01
CA GLN A 158 -1.29 13.46 14.11
C GLN A 158 -0.14 12.56 13.71
N LEU A 159 -0.45 11.43 13.09
CA LEU A 159 0.56 10.44 12.73
C LEU A 159 1.42 10.92 11.57
N VAL A 160 0.80 11.61 10.62
CA VAL A 160 1.53 12.17 9.48
C VAL A 160 2.55 13.22 9.94
N GLU A 161 2.09 14.13 10.79
CA GLU A 161 2.94 15.23 11.25
C GLU A 161 3.99 14.75 12.26
N THR A 162 3.84 13.50 12.71
CA THR A 162 4.82 12.89 13.60
C THR A 162 6.03 12.41 12.79
N TYR A 163 5.80 12.03 11.54
CA TYR A 163 6.85 11.49 10.70
C TYR A 163 7.44 12.51 9.73
N LEU A 164 6.79 13.67 9.61
CA LEU A 164 7.31 14.73 8.76
C LEU A 164 8.72 15.23 9.15
N PRO A 165 9.03 15.34 10.46
CA PRO A 165 10.40 15.76 10.80
C PRO A 165 11.50 14.82 10.33
N VAL A 166 11.19 13.55 10.07
CA VAL A 166 12.22 12.63 9.59
C VAL A 166 12.08 12.37 8.09
N GLY A 167 11.39 13.29 7.41
CA GLY A 167 11.38 13.31 5.95
C GLY A 167 10.35 12.44 5.26
N LEU A 168 9.25 12.13 5.93
CA LEU A 168 8.19 11.30 5.38
C LEU A 168 7.75 11.73 3.98
N LYS A 169 7.70 10.78 3.05
CA LYS A 169 7.36 11.08 1.66
C LYS A 169 6.17 10.29 1.15
N HIS A 170 6.18 8.97 1.39
CA HIS A 170 5.14 8.09 0.86
C HIS A 170 4.16 7.64 1.92
N VAL A 171 2.87 7.84 1.65
CA VAL A 171 1.81 7.42 2.56
C VAL A 171 0.72 6.65 1.83
N LEU A 172 0.43 5.44 2.33
CA LEU A 172 -0.64 4.62 1.78
C LEU A 172 -1.88 4.78 2.65
N CYS A 173 -2.95 5.32 2.07
CA CYS A 173 -4.16 5.60 2.83
C CYS A 173 -5.35 4.77 2.36
N THR A 174 -5.89 3.95 3.26
CA THR A 174 -7.02 3.09 2.93
C THR A 174 -8.24 3.43 3.79
N ASP A 175 -9.37 3.65 3.13
CA ASP A 175 -10.62 3.90 3.84
C ASP A 175 -11.32 2.57 4.13
N ILE A 176 -11.39 2.23 5.42
CA ILE A 176 -12.04 0.99 5.84
C ILE A 176 -13.30 1.26 6.64
N SER A 177 -13.81 2.49 6.54
CA SER A 177 -15.03 2.88 7.24
C SER A 177 -16.25 2.75 6.32
N ALA A 183 -19.71 1.19 -5.12
CA ALA A 183 -18.93 1.91 -4.13
C ALA A 183 -17.49 2.11 -4.60
N GLY A 184 -17.05 3.36 -4.62
CA GLY A 184 -15.70 3.70 -5.03
C GLY A 184 -14.84 4.17 -3.87
N SER A 185 -13.72 4.80 -4.19
CA SER A 185 -12.84 5.34 -3.16
C SER A 185 -13.40 6.65 -2.62
N ASN A 186 -13.07 6.96 -1.37
CA ASN A 186 -13.54 8.19 -0.74
C ASN A 186 -12.82 9.40 -1.30
N VAL A 187 -13.42 10.02 -2.31
CA VAL A 187 -12.81 11.13 -3.03
C VAL A 187 -12.50 12.34 -2.15
N SER A 188 -13.47 12.74 -1.34
CA SER A 188 -13.32 13.91 -0.48
C SER A 188 -12.19 13.73 0.52
N LEU A 189 -12.00 12.50 0.98
CA LEU A 189 -10.93 12.16 1.91
C LEU A 189 -9.56 12.47 1.31
N TYR A 190 -9.34 12.02 0.09
CA TYR A 190 -8.04 12.18 -0.55
C TYR A 190 -7.82 13.61 -1.02
N GLU A 191 -8.89 14.29 -1.41
CA GLU A 191 -8.81 15.70 -1.78
C GLU A 191 -8.32 16.55 -0.61
N GLU A 192 -8.77 16.19 0.59
CA GLU A 192 -8.44 16.95 1.80
C GLU A 192 -7.00 16.74 2.23
N VAL A 193 -6.57 15.49 2.30
CA VAL A 193 -5.24 15.17 2.84
C VAL A 193 -4.12 15.52 1.87
N CYS A 194 -4.39 15.45 0.57
CA CYS A 194 -3.39 15.76 -0.44
C CYS A 194 -3.13 17.26 -0.51
N ALA A 195 -4.16 18.04 -0.20
CA ALA A 195 -4.03 19.50 -0.22
C ALA A 195 -3.35 20.00 1.05
N ARG A 196 -3.60 19.33 2.17
CA ARG A 196 -3.02 19.74 3.45
CA ARG A 196 -3.03 19.73 3.45
C ARG A 196 -1.53 19.42 3.49
N TYR A 197 -1.14 18.30 2.90
CA TYR A 197 0.26 17.90 2.87
C TYR A 197 0.75 17.71 1.44
N PRO A 198 1.02 18.82 0.72
CA PRO A 198 1.43 18.76 -0.67
C PRO A 198 2.83 18.18 -0.88
N GLN A 199 3.63 18.10 0.19
CA GLN A 199 4.97 17.56 0.09
C GLN A 199 4.99 16.05 0.25
N ILE A 200 3.80 15.46 0.36
CA ILE A 200 3.67 14.03 0.53
C ILE A 200 2.95 13.37 -0.65
N ALA A 201 3.54 12.31 -1.18
CA ALA A 201 2.92 11.55 -2.26
C ALA A 201 1.97 10.51 -1.68
N PHE A 202 0.68 10.83 -1.68
CA PHE A 202 -0.33 9.93 -1.14
C PHE A 202 -0.73 8.84 -2.13
N GLN A 203 -0.92 7.63 -1.62
CA GLN A 203 -1.41 6.52 -2.41
C GLN A 203 -2.79 6.09 -1.92
N SER A 204 -3.75 6.06 -2.84
CA SER A 204 -5.10 5.59 -2.51
C SER A 204 -5.13 4.07 -2.55
N SER A 205 -6.00 3.48 -1.74
CA SER A 205 -6.12 2.03 -1.69
C SER A 205 -7.53 1.59 -1.30
N GLY A 206 -8.06 0.61 -2.03
CA GLY A 206 -9.39 0.09 -1.75
C GLY A 206 -10.48 0.93 -2.37
N GLY A 207 -11.56 0.27 -2.80
CA GLY A 207 -12.71 0.98 -3.33
C GLY A 207 -12.88 0.88 -4.83
N ILE A 208 -11.78 0.63 -5.54
CA ILE A 208 -11.83 0.55 -6.99
C ILE A 208 -12.64 -0.65 -7.47
N GLY A 209 -13.84 -0.37 -7.99
CA GLY A 209 -14.72 -1.42 -8.48
C GLY A 209 -14.77 -1.46 -10.00
N ASP A 210 -14.62 -0.30 -10.63
CA ASP A 210 -14.60 -0.21 -12.08
C ASP A 210 -13.75 0.97 -12.55
N ILE A 211 -13.72 1.19 -13.86
CA ILE A 211 -12.84 2.18 -14.45
C ILE A 211 -13.22 3.61 -14.08
N ASP A 212 -14.48 3.83 -13.72
CA ASP A 212 -14.93 5.17 -13.36
C ASP A 212 -14.39 5.61 -12.00
N ASP A 213 -14.07 4.64 -11.16
CA ASP A 213 -13.53 4.93 -9.83
C ASP A 213 -12.12 5.52 -9.94
N ILE A 214 -11.40 5.13 -10.98
CA ILE A 214 -10.07 5.64 -11.24
C ILE A 214 -10.14 7.08 -11.75
N ALA A 215 -11.11 7.34 -12.61
CA ALA A 215 -11.30 8.67 -13.18
C ALA A 215 -11.70 9.68 -12.09
N ALA A 216 -12.39 9.18 -11.06
CA ALA A 216 -12.87 10.05 -9.99
C ALA A 216 -11.73 10.55 -9.10
N LEU A 217 -10.57 9.92 -9.22
CA LEU A 217 -9.42 10.26 -8.39
C LEU A 217 -8.39 11.12 -9.12
N ARG A 218 -8.66 11.44 -10.38
CA ARG A 218 -7.71 12.15 -11.22
C ARG A 218 -7.35 13.54 -10.68
N GLY A 219 -8.33 14.25 -10.16
CA GLY A 219 -8.11 15.62 -9.72
C GLY A 219 -7.90 15.77 -8.22
N THR A 220 -7.90 14.65 -7.50
CA THR A 220 -7.79 14.68 -6.04
C THR A 220 -6.39 15.11 -5.58
N GLY A 221 -5.37 14.73 -6.34
CA GLY A 221 -4.01 15.07 -6.00
C GLY A 221 -3.19 13.86 -5.61
N VAL A 222 -3.84 12.70 -5.55
CA VAL A 222 -3.14 11.45 -5.24
C VAL A 222 -2.12 11.14 -6.33
N ARG A 223 -1.00 10.56 -5.94
CA ARG A 223 0.08 10.29 -6.88
C ARG A 223 0.17 8.81 -7.23
N GLY A 224 -0.62 8.00 -6.53
CA GLY A 224 -0.66 6.57 -6.79
C GLY A 224 -2.01 5.97 -6.49
N VAL A 225 -2.49 5.13 -7.40
CA VAL A 225 -3.77 4.45 -7.20
C VAL A 225 -3.57 2.93 -7.19
N ILE A 226 -3.77 2.34 -6.02
CA ILE A 226 -3.58 0.90 -5.87
C ILE A 226 -4.83 0.13 -6.27
N VAL A 227 -4.68 -0.76 -7.25
CA VAL A 227 -5.79 -1.58 -7.73
C VAL A 227 -5.45 -3.07 -7.58
N GLY A 228 -6.36 -3.81 -6.95
CA GLY A 228 -6.17 -5.23 -6.72
C GLY A 228 -7.19 -6.16 -7.36
N ARG A 229 -8.39 -6.15 -6.80
CA ARG A 229 -9.47 -7.04 -7.21
C ARG A 229 -9.91 -6.80 -8.63
N ALA A 230 -10.15 -5.53 -8.94
CA ALA A 230 -10.69 -5.10 -10.22
C ALA A 230 -9.89 -5.71 -11.37
N LEU A 231 -8.58 -5.82 -11.18
CA LEU A 231 -7.71 -6.45 -12.16
C LEU A 231 -7.90 -7.96 -12.19
N LEU A 232 -8.02 -8.57 -11.01
CA LEU A 232 -8.15 -10.03 -10.91
C LEU A 232 -9.49 -10.54 -11.43
N GLU A 233 -10.50 -9.67 -11.41
CA GLU A 233 -11.83 -10.07 -11.82
C GLU A 233 -12.18 -9.58 -13.23
N GLY A 234 -11.20 -9.00 -13.91
CA GLY A 234 -11.35 -8.62 -15.29
C GLY A 234 -12.31 -7.47 -15.55
N LYS A 235 -12.44 -6.57 -14.58
CA LYS A 235 -13.25 -5.37 -14.76
C LYS A 235 -12.60 -4.48 -15.81
N PHE A 236 -11.28 -4.37 -15.73
CA PHE A 236 -10.50 -3.63 -16.71
C PHE A 236 -9.04 -4.08 -16.65
N THR A 237 -8.23 -3.64 -17.60
CA THR A 237 -6.82 -3.99 -17.63
C THR A 237 -5.96 -2.87 -17.06
N VAL A 238 -4.70 -3.17 -16.80
CA VAL A 238 -3.75 -2.16 -16.33
C VAL A 238 -3.58 -1.08 -17.39
N LYS A 239 -3.52 -1.50 -18.65
CA LYS A 239 -3.40 -0.59 -19.78
C LYS A 239 -4.53 0.43 -19.78
N GLU A 240 -5.77 -0.07 -19.72
CA GLU A 240 -6.94 0.80 -19.71
C GLU A 240 -6.97 1.70 -18.48
N ALA A 241 -6.49 1.17 -17.36
CA ALA A 241 -6.42 1.94 -16.11
C ALA A 241 -5.48 3.12 -16.27
N ILE A 242 -4.31 2.87 -16.85
CA ILE A 242 -3.32 3.91 -17.09
C ILE A 242 -3.84 4.93 -18.11
N GLN A 243 -4.51 4.43 -19.15
CA GLN A 243 -5.10 5.30 -20.16
C GLN A 243 -6.11 6.26 -19.54
N CYS A 244 -6.97 5.73 -18.67
CA CYS A 244 -7.96 6.54 -17.99
C CYS A 244 -7.31 7.50 -17.01
N TRP A 245 -6.28 7.02 -16.32
CA TRP A 245 -5.58 7.82 -15.32
C TRP A 245 -4.85 9.02 -15.96
N GLN A 246 -4.21 8.77 -17.09
CA GLN A 246 -3.48 9.82 -17.79
C GLN A 246 -4.41 10.68 -18.64
N ASN A 247 -5.64 10.21 -18.81
CA ASN A 247 -6.69 10.94 -19.53
C ASN A 247 -6.27 11.34 -20.94
P1 GUO B . -8.68 -3.74 -3.64
C6 GUO B . -7.62 -3.61 -1.16
C9 GUO B . -6.27 -3.20 -0.60
O11 GUO B . -5.99 -3.97 0.59
C12 GUO B . -5.10 -3.44 -1.53
O14 GUO B . -4.06 -2.51 -1.28
C16 GUO B . -4.68 -4.86 -1.16
O18 GUO B . -3.34 -5.15 -1.50
C20 GUO B . -4.86 -4.81 0.35
N22 GUO B . -5.10 -6.11 0.92
C24 GUO B . -4.58 -6.48 2.09
N26 GUO B . -4.53 -5.63 3.06
C27 GUO B . -3.98 -6.01 4.29
C28 GUO B . -4.25 -7.04 5.18
C29 GUO B . -5.27 -8.09 5.07
O2P GUO B . -10.09 -3.38 -3.20
O30 GUO B . -6.04 -8.13 4.10
N31 GUO B . -5.32 -8.98 6.05
N34 GUO B . -3.40 -6.98 6.26
C35 GUO B . -2.64 -5.93 6.03
N37 GUO B . -2.95 -5.30 4.85
C38 GUO B . -2.32 -4.08 4.30
O3P GUO B . -8.47 -5.22 -3.78
O40 GUO B . -0.91 -4.24 4.37
C41 GUO B . -2.63 -2.83 5.12
O43 GUO B . -3.84 -2.23 4.68
C45 GUO B . -1.42 -1.95 4.78
O47 GUO B . -1.61 -1.22 3.57
C49 GUO B . -0.28 -2.97 4.63
O4P GUO B . -8.36 -2.97 -4.93
C51 GUO B . 0.65 -3.08 5.81
O54 GUO B . -0.05 -3.64 6.94
P55 GUO B . 0.62 -4.19 8.29
O56 GUO B . -0.28 -3.75 9.43
O57 GUO B . 1.96 -3.44 8.43
O58 GUO B . 0.79 -5.67 8.23
O5P GUO B . -7.71 -3.14 -2.53
C1 GOL C . 3.82 -10.40 -20.61
O1 GOL C . 5.18 -10.58 -20.27
C2 GOL C . 3.65 -10.56 -22.12
O2 GOL C . 2.60 -11.46 -22.38
C3 GOL C . 3.33 -9.22 -22.76
O3 GOL C . 3.34 -9.34 -24.16
C1 GOL D . 8.35 11.94 18.91
O1 GOL D . 7.79 11.99 20.20
C2 GOL D . 8.39 10.50 18.41
O2 GOL D . 9.69 9.97 18.62
C3 GOL D . 7.38 9.66 19.19
O3 GOL D . 6.08 10.15 18.94
#